data_7EE3
#
_entry.id   7EE3
#
_cell.length_a   189.607
_cell.length_b   189.607
_cell.length_c   41.206
_cell.angle_alpha   90.000
_cell.angle_beta   90.000
_cell.angle_gamma   120.000
#
_symmetry.space_group_name_H-M   'H 3'
#
loop_
_entity.id
_entity.type
_entity.pdbx_description
1 polymer 'Subtilase cytotoxin subunit B-like protein'
2 non-polymer 'TETRAETHYLENE GLYCOL'
3 water water
#
_entity_poly.entity_id   1
_entity_poly.type   'polypeptide(L)'
_entity_poly.pdbx_seq_one_letter_code
;AMADYDTYVSNVQINNLSYGVYTSGGKETQFFCIGLKHGSEAISINAMCKVDVYGNHKQGFDNMLNTAKYYYTTGGDVRI
YYKENVWRDPDFKSAFSSRELIAITTCSSSSYCMGPTVTNLESD
;
_entity_poly.pdbx_strand_id   A,B,C,D,E
#
# COMPACT_ATOMS: atom_id res chain seq x y z
N ALA A 1 16.62 -21.32 -21.69
CA ALA A 1 15.56 -20.31 -21.51
C ALA A 1 15.07 -20.39 -20.09
N MET A 2 14.41 -19.33 -19.62
CA MET A 2 13.88 -19.35 -18.26
C MET A 2 12.77 -20.38 -18.08
N ALA A 3 12.98 -21.27 -17.12
CA ALA A 3 11.95 -22.25 -16.77
C ALA A 3 10.65 -21.54 -16.38
N ASP A 4 9.54 -21.99 -16.96
CA ASP A 4 8.17 -21.51 -16.74
C ASP A 4 7.88 -20.20 -17.45
N TYR A 5 8.73 -19.74 -18.37
CA TYR A 5 8.53 -18.50 -19.12
C TYR A 5 8.22 -18.76 -20.59
N ASP A 6 7.90 -19.99 -20.98
CA ASP A 6 7.72 -20.36 -22.38
C ASP A 6 6.32 -20.10 -22.90
N THR A 7 5.32 -19.96 -22.03
N THR A 7 5.34 -19.80 -22.04
CA THR A 7 3.96 -19.69 -22.46
CA THR A 7 3.94 -19.72 -22.44
C THR A 7 3.55 -18.30 -22.01
C THR A 7 3.38 -18.39 -21.99
N TYR A 8 3.02 -17.55 -22.95
CA TYR A 8 2.62 -16.17 -22.63
C TYR A 8 1.68 -15.67 -23.71
N VAL A 9 0.95 -14.59 -23.37
CA VAL A 9 0.15 -13.84 -24.34
C VAL A 9 0.56 -12.37 -24.23
N SER A 10 0.72 -11.69 -25.37
CA SER A 10 1.28 -10.34 -25.45
C SER A 10 0.25 -9.31 -25.87
N ASN A 11 0.48 -8.07 -25.44
CA ASN A 11 -0.36 -6.95 -25.84
C ASN A 11 -1.82 -7.17 -25.47
N VAL A 12 -2.03 -7.66 -24.26
CA VAL A 12 -3.36 -7.84 -23.69
C VAL A 12 -3.57 -6.77 -22.63
N GLN A 13 -4.80 -6.63 -22.17
CA GLN A 13 -5.13 -5.78 -21.03
C GLN A 13 -5.90 -6.58 -20.00
N ILE A 14 -5.64 -6.30 -18.72
CA ILE A 14 -6.37 -6.94 -17.64
C ILE A 14 -7.67 -6.19 -17.52
N ASN A 15 -8.78 -6.83 -17.90
CA ASN A 15 -10.08 -6.13 -17.91
C ASN A 15 -11.05 -6.72 -16.88
N ASN A 16 -10.58 -7.63 -16.03
CA ASN A 16 -11.38 -8.14 -14.93
C ASN A 16 -10.47 -8.68 -13.87
N LEU A 17 -10.94 -8.67 -12.64
N LEU A 17 -10.96 -8.73 -12.64
CA LEU A 17 -10.22 -9.21 -11.52
CA LEU A 17 -10.17 -9.20 -11.52
C LEU A 17 -11.17 -9.99 -10.63
C LEU A 17 -11.07 -9.82 -10.47
N SER A 18 -10.61 -10.96 -9.90
CA SER A 18 -11.33 -11.63 -8.81
C SER A 18 -10.38 -11.77 -7.64
N TYR A 19 -10.83 -11.63 -6.42
CA TYR A 19 -10.05 -11.97 -5.23
C TYR A 19 -10.98 -12.64 -4.26
N GLY A 20 -10.57 -13.77 -3.69
CA GLY A 20 -11.44 -14.46 -2.76
C GLY A 20 -10.71 -15.36 -1.81
N VAL A 21 -11.46 -15.88 -0.88
CA VAL A 21 -10.98 -16.88 0.08
C VAL A 21 -11.77 -18.16 -0.10
N TYR A 22 -11.13 -19.30 0.16
CA TYR A 22 -11.74 -20.55 -0.30
C TYR A 22 -11.04 -21.74 0.34
N THR A 23 -11.81 -22.74 0.77
CA THR A 23 -11.21 -23.97 1.30
C THR A 23 -11.02 -24.92 0.13
N SER A 24 -9.79 -25.39 -0.06
CA SER A 24 -9.53 -26.30 -1.16
C SER A 24 -8.62 -27.42 -0.65
N GLY A 25 -9.11 -28.65 -0.78
CA GLY A 25 -8.28 -29.78 -0.38
C GLY A 25 -7.87 -29.73 1.07
N GLY A 26 -8.75 -29.22 1.94
CA GLY A 26 -8.44 -29.16 3.36
C GLY A 26 -7.56 -28.00 3.79
N LYS A 27 -7.17 -27.10 2.88
CA LYS A 27 -6.34 -25.97 3.24
C LYS A 27 -7.17 -24.69 3.08
N GLU A 28 -6.90 -23.69 3.92
CA GLU A 28 -7.58 -22.40 3.77
C GLU A 28 -6.75 -21.56 2.81
N THR A 29 -7.31 -21.17 1.68
CA THR A 29 -6.55 -20.44 0.67
C THR A 29 -7.08 -19.03 0.46
N GLN A 30 -6.19 -18.18 -0.06
CA GLN A 30 -6.56 -16.99 -0.80
C GLN A 30 -6.26 -17.25 -2.26
N PHE A 31 -7.00 -16.60 -3.13
CA PHE A 31 -6.64 -16.63 -4.54
C PHE A 31 -7.02 -15.32 -5.19
N PHE A 32 -6.43 -15.10 -6.33
CA PHE A 32 -6.91 -14.01 -7.21
C PHE A 32 -6.80 -14.51 -8.64
N CYS A 33 -7.60 -13.94 -9.52
CA CYS A 33 -7.57 -14.33 -10.94
C CYS A 33 -7.70 -13.07 -11.76
N ILE A 34 -6.99 -13.04 -12.87
CA ILE A 34 -7.09 -11.88 -13.79
C ILE A 34 -7.82 -12.36 -15.03
N GLY A 35 -8.65 -11.48 -15.54
CA GLY A 35 -9.31 -11.70 -16.81
C GLY A 35 -8.74 -10.76 -17.85
N LEU A 36 -8.65 -11.25 -19.09
CA LEU A 36 -7.95 -10.55 -20.15
C LEU A 36 -8.81 -10.28 -21.35
N LYS A 37 -8.46 -9.22 -22.07
CA LYS A 37 -8.96 -8.97 -23.42
C LYS A 37 -7.78 -8.59 -24.29
N HIS A 38 -7.95 -8.66 -25.60
CA HIS A 38 -6.85 -8.28 -26.52
C HIS A 38 -7.39 -7.10 -27.32
N GLY A 39 -7.21 -5.93 -26.74
CA GLY A 39 -7.70 -4.69 -27.32
C GLY A 39 -9.20 -4.71 -27.44
N SER A 40 -9.67 -4.79 -28.67
CA SER A 40 -11.11 -4.80 -28.89
C SER A 40 -11.69 -6.21 -28.96
N GLU A 41 -10.89 -7.24 -28.79
CA GLU A 41 -11.45 -8.57 -29.00
C GLU A 41 -11.33 -9.42 -27.73
N ALA A 42 -12.28 -10.32 -27.58
CA ALA A 42 -12.17 -11.29 -26.52
C ALA A 42 -11.11 -12.31 -26.93
N ILE A 43 -10.47 -12.88 -25.95
CA ILE A 43 -9.54 -13.95 -26.25
C ILE A 43 -9.94 -15.19 -25.50
N SER A 44 -9.58 -16.34 -26.05
CA SER A 44 -9.97 -17.60 -25.45
C SER A 44 -9.11 -17.93 -24.22
N ILE A 45 -7.81 -17.64 -24.24
CA ILE A 45 -6.97 -17.85 -23.05
C ILE A 45 -7.09 -16.56 -22.26
N ASN A 46 -8.07 -16.49 -21.35
CA ASN A 46 -8.38 -15.16 -20.82
C ASN A 46 -8.51 -15.13 -19.33
N ALA A 47 -8.03 -16.13 -18.61
CA ALA A 47 -8.01 -16.08 -17.15
C ALA A 47 -6.83 -16.85 -16.61
N MET A 48 -6.19 -16.30 -15.59
CA MET A 48 -4.99 -16.90 -14.97
C MET A 48 -5.10 -16.57 -13.48
N CYS A 49 -4.68 -17.49 -12.63
CA CYS A 49 -4.87 -17.29 -11.20
C CYS A 49 -3.61 -17.59 -10.43
N LYS A 50 -3.61 -17.10 -9.20
CA LYS A 50 -2.54 -17.36 -8.26
C LYS A 50 -3.17 -17.65 -6.92
N VAL A 51 -2.58 -18.60 -6.20
CA VAL A 51 -3.14 -19.10 -4.96
C VAL A 51 -2.02 -19.01 -3.91
N ASP A 52 -2.32 -18.59 -2.70
CA ASP A 52 -1.24 -18.34 -1.74
C ASP A 52 -0.55 -19.59 -1.23
N VAL A 53 -1.24 -20.71 -1.10
CA VAL A 53 -0.70 -21.92 -0.47
C VAL A 53 -0.63 -23.11 -1.40
N TYR A 54 -0.89 -22.92 -2.68
CA TYR A 54 -0.76 -23.95 -3.70
C TYR A 54 -0.05 -23.35 -4.89
N GLY A 55 0.48 -24.25 -5.71
CA GLY A 55 1.05 -23.84 -6.98
C GLY A 55 2.53 -24.16 -7.07
N ASN A 56 3.05 -23.95 -8.28
CA ASN A 56 4.48 -24.13 -8.51
C ASN A 56 5.34 -23.06 -7.87
N HIS A 57 4.77 -21.88 -7.63
CA HIS A 57 5.53 -20.77 -7.04
C HIS A 57 4.55 -20.11 -6.06
N LYS A 58 4.67 -20.43 -4.77
CA LYS A 58 3.76 -19.87 -3.77
C LYS A 58 4.16 -18.45 -3.34
N GLN A 59 5.43 -18.06 -3.55
CA GLN A 59 5.89 -16.72 -3.19
C GLN A 59 5.20 -15.65 -4.04
N GLY A 60 5.25 -14.42 -3.51
CA GLY A 60 4.81 -13.29 -4.31
C GLY A 60 3.33 -13.08 -4.43
N PHE A 61 2.52 -13.73 -3.57
CA PHE A 61 1.05 -13.55 -3.66
C PHE A 61 0.65 -12.09 -3.61
N ASP A 62 1.06 -11.38 -2.55
CA ASP A 62 0.64 -9.98 -2.37
C ASP A 62 1.23 -9.11 -3.47
N ASN A 63 2.50 -9.31 -3.85
CA ASN A 63 3.06 -8.44 -4.88
C ASN A 63 2.40 -8.69 -6.22
N MET A 64 2.09 -9.96 -6.56
CA MET A 64 1.48 -10.19 -7.87
C MET A 64 0.04 -9.63 -7.84
N LEU A 65 -0.66 -9.78 -6.70
CA LEU A 65 -2.04 -9.22 -6.60
C LEU A 65 -1.98 -7.70 -6.80
N ASN A 66 -1.02 -7.02 -6.13
CA ASN A 66 -0.95 -5.57 -6.25
C ASN A 66 -0.59 -5.16 -7.67
N THR A 67 0.25 -5.95 -8.32
CA THR A 67 0.63 -5.68 -9.71
C THR A 67 -0.57 -5.85 -10.63
N ALA A 68 -1.34 -6.93 -10.45
CA ALA A 68 -2.54 -7.13 -11.27
C ALA A 68 -3.51 -5.98 -11.10
N LYS A 69 -3.72 -5.54 -9.85
CA LYS A 69 -4.69 -4.46 -9.62
C LYS A 69 -4.20 -3.18 -10.28
N TYR A 70 -2.90 -2.95 -10.25
CA TYR A 70 -2.31 -1.79 -10.92
C TYR A 70 -2.66 -1.76 -12.41
N TYR A 71 -2.45 -2.88 -13.12
CA TYR A 71 -2.76 -2.85 -14.56
C TYR A 71 -4.25 -2.88 -14.82
N TYR A 72 -5.07 -3.46 -13.95
CA TYR A 72 -6.52 -3.32 -14.12
C TYR A 72 -6.87 -1.83 -14.06
N THR A 73 -6.21 -1.07 -13.18
CA THR A 73 -6.51 0.36 -13.05
C THR A 73 -6.08 1.12 -14.30
N THR A 74 -4.86 0.85 -14.78
CA THR A 74 -4.37 1.67 -15.87
C THR A 74 -4.95 1.25 -17.20
N GLY A 75 -5.33 -0.02 -17.33
CA GLY A 75 -5.70 -0.57 -18.62
C GLY A 75 -4.54 -0.69 -19.58
N GLY A 76 -3.31 -0.65 -19.07
CA GLY A 76 -2.14 -0.65 -19.94
C GLY A 76 -1.96 -1.98 -20.63
N ASP A 77 -1.24 -1.94 -21.75
CA ASP A 77 -0.88 -3.15 -22.46
C ASP A 77 0.19 -3.91 -21.70
N VAL A 78 -0.01 -5.22 -21.53
CA VAL A 78 0.91 -6.08 -20.81
C VAL A 78 1.09 -7.39 -21.56
N ARG A 79 2.13 -8.10 -21.17
CA ARG A 79 2.31 -9.51 -21.50
C ARG A 79 2.13 -10.31 -20.23
N ILE A 80 1.38 -11.42 -20.33
CA ILE A 80 1.12 -12.28 -19.20
C ILE A 80 1.83 -13.61 -19.48
N TYR A 81 2.73 -14.01 -18.58
CA TYR A 81 3.34 -15.34 -18.61
C TYR A 81 2.55 -16.23 -17.64
N TYR A 82 2.24 -17.46 -18.08
CA TYR A 82 1.41 -18.31 -17.25
C TYR A 82 1.86 -19.75 -17.48
N LYS A 83 1.40 -20.65 -16.61
CA LYS A 83 1.71 -22.08 -16.71
C LYS A 83 0.41 -22.84 -16.78
N GLU A 84 0.33 -23.74 -17.74
CA GLU A 84 -0.89 -24.49 -18.01
C GLU A 84 -1.06 -25.68 -17.09
N ASN A 85 -2.30 -26.06 -16.86
CA ASN A 85 -2.65 -27.35 -16.23
C ASN A 85 -2.12 -27.46 -14.79
N VAL A 86 -2.31 -26.39 -14.02
CA VAL A 86 -1.79 -26.35 -12.65
C VAL A 86 -2.83 -26.70 -11.61
N TRP A 87 -3.94 -25.96 -11.58
CA TRP A 87 -4.88 -26.11 -10.46
C TRP A 87 -5.64 -27.41 -10.63
N ARG A 88 -5.71 -28.20 -9.56
CA ARG A 88 -6.33 -29.53 -9.66
C ARG A 88 -7.70 -29.62 -9.00
N ASP A 89 -8.12 -28.61 -8.26
CA ASP A 89 -9.42 -28.61 -7.68
C ASP A 89 -10.47 -28.45 -8.78
N PRO A 90 -11.29 -29.47 -9.05
CA PRO A 90 -12.21 -29.40 -10.20
C PRO A 90 -13.22 -28.28 -10.10
N ASP A 91 -13.68 -27.96 -8.90
CA ASP A 91 -14.63 -26.86 -8.76
C ASP A 91 -13.97 -25.51 -9.08
N PHE A 92 -12.74 -25.33 -8.62
CA PHE A 92 -12.02 -24.10 -8.91
C PHE A 92 -11.66 -23.97 -10.39
N LYS A 93 -11.23 -25.06 -11.04
CA LYS A 93 -10.80 -24.91 -12.43
C LYS A 93 -11.96 -24.57 -13.31
N SER A 94 -13.12 -25.13 -12.99
CA SER A 94 -14.31 -24.86 -13.72
C SER A 94 -14.84 -23.43 -13.52
N ALA A 95 -14.70 -22.85 -12.31
CA ALA A 95 -15.21 -21.52 -12.02
C ALA A 95 -14.26 -20.42 -12.44
N PHE A 96 -12.94 -20.66 -12.34
CA PHE A 96 -11.93 -19.63 -12.54
C PHE A 96 -11.01 -20.07 -13.65
N SER A 97 -9.93 -20.81 -13.34
CA SER A 97 -9.05 -21.27 -14.41
C SER A 97 -8.20 -22.44 -13.90
N SER A 98 -7.49 -23.07 -14.81
CA SER A 98 -6.49 -24.11 -14.45
C SER A 98 -5.06 -23.53 -14.54
N ARG A 99 -4.94 -22.29 -14.96
CA ARG A 99 -3.61 -21.67 -15.27
C ARG A 99 -3.04 -20.91 -14.07
N GLU A 100 -1.73 -21.08 -13.85
CA GLU A 100 -1.01 -20.35 -12.79
C GLU A 100 -0.35 -19.11 -13.40
N LEU A 101 -0.64 -17.95 -12.85
CA LEU A 101 0.02 -16.70 -13.27
C LEU A 101 1.48 -16.66 -12.81
N ILE A 102 2.40 -16.41 -13.76
CA ILE A 102 3.85 -16.44 -13.49
C ILE A 102 4.47 -15.04 -13.46
N ALA A 103 4.10 -14.19 -14.41
CA ALA A 103 4.71 -12.86 -14.48
C ALA A 103 3.81 -11.94 -15.28
N ILE A 104 3.98 -10.65 -15.02
CA ILE A 104 3.31 -9.58 -15.76
C ILE A 104 4.39 -8.58 -16.17
N THR A 105 4.48 -8.30 -17.47
CA THR A 105 5.45 -7.30 -17.96
C THR A 105 4.72 -6.29 -18.82
N THR A 106 5.30 -5.11 -18.99
CA THR A 106 4.63 -4.07 -19.76
C THR A 106 5.00 -4.13 -21.23
N CYS A 107 4.14 -3.58 -22.06
CA CYS A 107 4.38 -3.37 -23.48
C CYS A 107 4.44 -1.89 -23.80
N SER A 108 5.55 -1.43 -24.31
CA SER A 108 5.68 -0.02 -24.67
C SER A 108 5.30 0.26 -26.11
N SER A 109 4.96 -0.76 -26.89
CA SER A 109 4.44 -0.52 -28.22
C SER A 109 3.58 -1.72 -28.60
N SER A 110 2.89 -1.60 -29.73
CA SER A 110 2.07 -2.72 -30.20
C SER A 110 2.90 -3.94 -30.53
N SER A 111 4.22 -3.77 -30.69
CA SER A 111 5.11 -4.84 -31.10
C SER A 111 6.15 -5.28 -30.05
N TYR A 112 6.31 -4.56 -28.93
CA TYR A 112 7.35 -4.86 -27.97
C TYR A 112 6.79 -4.92 -26.55
N CYS A 113 7.08 -6.00 -25.83
CA CYS A 113 6.86 -6.11 -24.41
C CYS A 113 8.13 -6.58 -23.76
N MET A 114 8.35 -6.22 -22.53
CA MET A 114 9.57 -6.62 -21.87
C MET A 114 9.50 -8.13 -21.57
N GLY A 115 10.68 -8.76 -21.55
CA GLY A 115 10.78 -10.16 -21.16
C GLY A 115 11.08 -11.08 -22.32
N PRO A 116 11.40 -12.32 -22.00
CA PRO A 116 11.86 -13.26 -23.05
C PRO A 116 10.71 -13.74 -23.92
N THR A 117 11.06 -14.01 -25.18
CA THR A 117 10.12 -14.59 -26.12
C THR A 117 10.61 -15.95 -26.62
N VAL A 118 9.72 -16.66 -27.28
CA VAL A 118 10.05 -17.94 -27.92
C VAL A 118 9.87 -17.77 -29.42
N ALA B 1 -19.63 -27.69 -7.15
CA ALA B 1 -19.47 -26.24 -7.12
C ALA B 1 -18.57 -25.81 -5.98
N MET B 2 -18.01 -24.60 -6.01
CA MET B 2 -17.07 -24.17 -4.99
C MET B 2 -17.81 -23.90 -3.68
N ALA B 3 -17.41 -24.58 -2.60
CA ALA B 3 -17.98 -24.33 -1.29
C ALA B 3 -17.90 -22.86 -0.94
N ASP B 4 -19.03 -22.29 -0.46
CA ASP B 4 -19.19 -20.91 -0.03
C ASP B 4 -19.29 -19.91 -1.16
N TYR B 5 -19.50 -20.33 -2.42
CA TYR B 5 -19.63 -19.43 -3.57
C TYR B 5 -21.06 -19.44 -4.13
N ASP B 6 -22.02 -19.95 -3.38
CA ASP B 6 -23.36 -20.18 -3.90
C ASP B 6 -24.26 -18.97 -3.72
N THR B 7 -23.93 -18.04 -2.84
N THR B 7 -23.85 -17.96 -2.97
CA THR B 7 -24.75 -16.83 -2.64
CA THR B 7 -24.73 -16.85 -2.61
C THR B 7 -23.93 -15.60 -3.02
C THR B 7 -24.00 -15.54 -2.90
N TYR B 8 -24.55 -14.71 -3.80
CA TYR B 8 -23.87 -13.53 -4.32
C TYR B 8 -24.91 -12.51 -4.79
N VAL B 9 -24.45 -11.25 -4.89
CA VAL B 9 -25.22 -10.19 -5.54
C VAL B 9 -24.29 -9.60 -6.60
N SER B 10 -24.81 -9.35 -7.79
CA SER B 10 -24.03 -8.98 -8.95
C SER B 10 -24.32 -7.54 -9.35
N ASN B 11 -23.34 -6.91 -9.99
CA ASN B 11 -23.47 -5.55 -10.55
C ASN B 11 -23.85 -4.52 -9.49
N VAL B 12 -23.23 -4.64 -8.33
CA VAL B 12 -23.39 -3.70 -7.25
C VAL B 12 -22.19 -2.78 -7.20
N GLN B 13 -22.26 -1.72 -6.37
CA GLN B 13 -21.13 -0.85 -6.09
C GLN B 13 -20.93 -0.81 -4.58
N ILE B 14 -19.68 -0.71 -4.14
CA ILE B 14 -19.41 -0.53 -2.73
C ILE B 14 -19.49 0.96 -2.48
N ASN B 15 -20.52 1.40 -1.73
CA ASN B 15 -20.72 2.82 -1.51
C ASN B 15 -20.50 3.21 -0.06
N ASN B 16 -20.07 2.30 0.79
CA ASN B 16 -19.74 2.63 2.18
C ASN B 16 -18.73 1.63 2.68
N LEU B 17 -17.89 2.05 3.62
N LEU B 17 -17.94 2.02 3.68
CA LEU B 17 -16.91 1.19 4.27
CA LEU B 17 -16.90 1.16 4.24
C LEU B 17 -16.92 1.48 5.77
C LEU B 17 -16.68 1.51 5.72
N SER B 18 -16.55 0.48 6.56
CA SER B 18 -16.26 0.61 7.98
C SER B 18 -15.01 -0.18 8.28
N TYR B 19 -14.15 0.35 9.14
CA TYR B 19 -12.99 -0.39 9.62
C TYR B 19 -12.85 -0.05 11.08
N GLY B 20 -12.70 -1.05 11.93
CA GLY B 20 -12.53 -0.80 13.34
C GLY B 20 -11.87 -1.92 14.09
N VAL B 21 -11.59 -1.60 15.34
CA VAL B 21 -11.05 -2.56 16.31
C VAL B 21 -12.05 -2.78 17.42
N TYR B 22 -12.09 -4.00 17.96
CA TYR B 22 -13.25 -4.37 18.77
C TYR B 22 -12.93 -5.66 19.54
N THR B 23 -13.33 -5.71 20.80
CA THR B 23 -13.19 -6.93 21.60
C THR B 23 -14.47 -7.74 21.44
N SER B 24 -14.37 -8.98 20.97
CA SER B 24 -15.53 -9.84 20.73
C SER B 24 -15.31 -11.21 21.35
N GLY B 25 -16.23 -11.61 22.22
CA GLY B 25 -16.09 -12.93 22.81
C GLY B 25 -14.78 -13.10 23.52
N GLY B 26 -14.29 -12.01 24.09
CA GLY B 26 -13.04 -11.98 24.88
C GLY B 26 -11.77 -11.99 24.07
N LYS B 27 -11.89 -11.74 22.76
CA LYS B 27 -10.71 -11.70 21.87
C LYS B 27 -10.62 -10.35 21.15
N GLU B 28 -9.40 -9.87 20.99
CA GLU B 28 -9.11 -8.60 20.27
C GLU B 28 -9.23 -8.86 18.77
N THR B 29 -10.09 -8.10 18.13
CA THR B 29 -10.33 -8.27 16.70
C THR B 29 -10.08 -6.97 15.95
N GLN B 30 -9.88 -7.13 14.66
CA GLN B 30 -10.13 -6.10 13.66
C GLN B 30 -11.27 -6.58 12.79
N PHE B 31 -12.03 -5.62 12.28
CA PHE B 31 -13.05 -5.97 11.30
C PHE B 31 -13.17 -4.88 10.26
N PHE B 32 -13.75 -5.25 9.13
CA PHE B 32 -14.25 -4.24 8.21
C PHE B 32 -15.58 -4.72 7.67
N CYS B 33 -16.35 -3.75 7.17
CA CYS B 33 -17.66 -4.05 6.58
C CYS B 33 -17.79 -3.22 5.32
N ILE B 34 -18.35 -3.77 4.29
CA ILE B 34 -18.69 -3.05 3.07
C ILE B 34 -20.18 -2.82 3.06
N GLY B 35 -20.58 -1.66 2.57
CA GLY B 35 -21.98 -1.35 2.29
C GLY B 35 -22.16 -1.22 0.79
N LEU B 36 -23.31 -1.66 0.29
CA LEU B 36 -23.55 -1.76 -1.14
C LEU B 36 -24.72 -0.92 -1.61
N LYS B 37 -24.64 -0.48 -2.87
CA LYS B 37 -25.78 0.05 -3.62
C LYS B 37 -25.86 -0.71 -4.93
N HIS B 38 -26.98 -0.58 -5.64
CA HIS B 38 -27.15 -1.20 -6.95
C HIS B 38 -27.66 -0.10 -7.86
N GLY B 39 -26.79 0.81 -8.23
CA GLY B 39 -27.21 1.98 -8.99
C GLY B 39 -28.28 2.72 -8.20
N SER B 40 -29.43 2.94 -8.84
CA SER B 40 -30.52 3.61 -8.19
C SER B 40 -31.58 2.64 -7.65
N GLU B 41 -31.31 1.35 -7.66
N GLU B 41 -31.35 1.34 -7.77
CA GLU B 41 -32.30 0.33 -7.34
CA GLU B 41 -32.28 0.31 -7.32
C GLU B 41 -32.10 -0.17 -5.91
C GLU B 41 -32.09 0.08 -5.83
N ALA B 42 -33.18 -0.10 -5.09
CA ALA B 42 -33.05 -0.37 -3.66
C ALA B 42 -32.56 -1.80 -3.43
N ILE B 43 -31.49 -1.96 -2.67
CA ILE B 43 -30.93 -3.27 -2.34
C ILE B 43 -30.98 -3.47 -0.84
N SER B 44 -31.51 -4.60 -0.38
CA SER B 44 -31.56 -4.94 1.03
C SER B 44 -30.36 -5.77 1.46
N ILE B 45 -29.79 -6.57 0.55
CA ILE B 45 -28.62 -7.39 0.86
C ILE B 45 -27.42 -6.48 0.64
N ASN B 46 -27.14 -5.65 1.64
CA ASN B 46 -26.35 -4.46 1.40
C ASN B 46 -25.20 -4.27 2.39
N ALA B 47 -24.84 -5.29 3.17
CA ALA B 47 -23.65 -5.18 4.00
C ALA B 47 -23.06 -6.55 4.27
N MET B 48 -21.78 -6.62 4.41
CA MET B 48 -21.04 -7.87 4.60
C MET B 48 -19.75 -7.50 5.25
N CYS B 49 -19.26 -8.36 6.12
CA CYS B 49 -18.09 -8.01 6.91
C CYS B 49 -17.09 -9.14 6.96
N LYS B 50 -15.89 -8.80 7.42
CA LYS B 50 -14.83 -9.77 7.58
C LYS B 50 -14.08 -9.40 8.85
N VAL B 51 -13.64 -10.43 9.61
CA VAL B 51 -13.02 -10.23 10.92
C VAL B 51 -11.71 -10.99 10.89
N ASP B 52 -10.66 -10.40 11.47
CA ASP B 52 -9.34 -11.02 11.32
C ASP B 52 -9.19 -12.36 12.01
N VAL B 53 -9.84 -12.58 13.14
CA VAL B 53 -9.59 -13.77 13.95
C VAL B 53 -10.84 -14.63 14.12
N TYR B 54 -11.93 -14.30 13.43
CA TYR B 54 -13.15 -15.10 13.49
C TYR B 54 -13.65 -15.31 12.07
N GLY B 55 -14.55 -16.26 11.91
CA GLY B 55 -15.22 -16.47 10.65
C GLY B 55 -14.91 -17.84 10.07
N ASN B 56 -15.62 -18.14 8.98
CA ASN B 56 -15.33 -19.38 8.26
C ASN B 56 -13.98 -19.30 7.54
N HIS B 57 -13.49 -18.09 7.24
CA HIS B 57 -12.20 -17.98 6.55
C HIS B 57 -11.49 -16.77 7.15
N LYS B 58 -10.50 -17.02 7.99
CA LYS B 58 -9.76 -15.93 8.61
C LYS B 58 -8.70 -15.32 7.69
N GLN B 59 -8.27 -16.08 6.67
CA GLN B 59 -7.18 -15.61 5.81
C GLN B 59 -7.62 -14.41 4.99
N GLY B 60 -6.63 -13.63 4.55
CA GLY B 60 -6.89 -12.61 3.57
C GLY B 60 -7.50 -11.35 4.14
N PHE B 61 -7.35 -11.12 5.45
CA PHE B 61 -7.96 -9.91 6.03
C PHE B 61 -7.47 -8.63 5.34
N ASP B 62 -6.15 -8.43 5.30
CA ASP B 62 -5.62 -7.19 4.73
C ASP B 62 -5.88 -7.13 3.24
N ASN B 63 -5.70 -8.26 2.53
CA ASN B 63 -5.94 -8.21 1.08
C ASN B 63 -7.42 -7.93 0.76
N MET B 64 -8.34 -8.52 1.50
CA MET B 64 -9.75 -8.25 1.23
C MET B 64 -10.07 -6.79 1.59
N LEU B 65 -9.52 -6.26 2.70
CA LEU B 65 -9.76 -4.86 3.05
C LEU B 65 -9.25 -3.95 1.94
N ASN B 66 -8.03 -4.21 1.44
CA ASN B 66 -7.49 -3.34 0.41
C ASN B 66 -8.28 -3.46 -0.87
N THR B 67 -8.82 -4.65 -1.16
CA THR B 67 -9.64 -4.84 -2.36
C THR B 67 -10.97 -4.07 -2.23
N ALA B 68 -11.59 -4.16 -1.05
CA ALA B 68 -12.82 -3.38 -0.81
C ALA B 68 -12.59 -1.87 -0.93
N LYS B 69 -11.49 -1.38 -0.36
N LYS B 69 -11.50 -1.38 -0.34
CA LYS B 69 -11.18 0.05 -0.45
CA LYS B 69 -11.14 0.04 -0.46
C LYS B 69 -10.89 0.49 -1.89
C LYS B 69 -10.98 0.43 -1.91
N TYR B 70 -10.30 -0.40 -2.69
CA TYR B 70 -10.11 -0.10 -4.09
C TYR B 70 -11.44 0.14 -4.81
N TYR B 71 -12.42 -0.78 -4.65
CA TYR B 71 -13.68 -0.60 -5.38
C TYR B 71 -14.53 0.53 -4.79
N TYR B 72 -14.38 0.81 -3.50
CA TYR B 72 -15.05 2.01 -2.98
C TYR B 72 -14.52 3.25 -3.70
N THR B 73 -13.22 3.30 -3.96
CA THR B 73 -12.60 4.43 -4.64
C THR B 73 -13.07 4.53 -6.07
N THR B 74 -13.09 3.41 -6.79
CA THR B 74 -13.45 3.54 -8.21
C THR B 74 -14.94 3.66 -8.42
N GLY B 75 -15.77 3.13 -7.51
CA GLY B 75 -17.21 3.00 -7.76
C GLY B 75 -17.56 2.00 -8.84
N GLY B 76 -16.63 1.12 -9.19
CA GLY B 76 -16.87 0.16 -10.27
C GLY B 76 -17.87 -0.91 -9.90
N ASP B 77 -18.42 -1.56 -10.94
CA ASP B 77 -19.39 -2.63 -10.73
C ASP B 77 -18.68 -3.91 -10.32
N VAL B 78 -19.16 -4.55 -9.25
CA VAL B 78 -18.60 -5.79 -8.73
C VAL B 78 -19.69 -6.82 -8.45
N ARG B 79 -19.29 -8.07 -8.28
CA ARG B 79 -20.11 -9.07 -7.65
C ARG B 79 -19.51 -9.39 -6.30
N ILE B 80 -20.38 -9.52 -5.30
CA ILE B 80 -19.98 -9.85 -3.95
C ILE B 80 -20.48 -11.27 -3.63
N TYR B 81 -19.56 -12.16 -3.29
CA TYR B 81 -19.90 -13.47 -2.75
C TYR B 81 -19.87 -13.39 -1.23
N TYR B 82 -20.89 -13.95 -0.56
CA TYR B 82 -20.98 -13.81 0.88
C TYR B 82 -21.65 -15.02 1.45
N LYS B 83 -21.54 -15.17 2.78
CA LYS B 83 -22.19 -16.25 3.49
C LYS B 83 -23.11 -15.66 4.55
N GLU B 84 -24.37 -16.12 4.55
CA GLU B 84 -25.35 -15.60 5.50
C GLU B 84 -25.16 -16.22 6.87
N ASN B 85 -25.56 -15.48 7.90
CA ASN B 85 -25.77 -16.05 9.24
C ASN B 85 -24.48 -16.58 9.86
N VAL B 86 -23.41 -15.79 9.74
CA VAL B 86 -22.10 -16.15 10.27
C VAL B 86 -21.83 -15.57 11.65
N TRP B 87 -21.89 -14.25 11.78
CA TRP B 87 -21.36 -13.63 12.99
C TRP B 87 -22.27 -13.96 14.15
N ARG B 88 -21.69 -14.48 15.23
CA ARG B 88 -22.47 -14.93 16.42
C ARG B 88 -22.49 -13.89 17.52
N ASP B 89 -21.71 -12.85 17.36
CA ASP B 89 -21.75 -11.77 18.35
C ASP B 89 -23.02 -10.96 18.11
N PRO B 90 -24.00 -10.99 19.01
CA PRO B 90 -25.28 -10.32 18.70
C PRO B 90 -25.16 -8.81 18.58
N ASP B 91 -24.24 -8.22 19.35
CA ASP B 91 -24.07 -6.76 19.27
C ASP B 91 -23.46 -6.38 17.91
N PHE B 92 -22.53 -7.18 17.43
CA PHE B 92 -21.91 -6.90 16.12
C PHE B 92 -22.95 -7.10 15.00
N LYS B 93 -23.71 -8.18 15.09
CA LYS B 93 -24.69 -8.51 14.01
C LYS B 93 -25.70 -7.38 13.85
N SER B 94 -26.18 -6.83 14.96
CA SER B 94 -27.18 -5.75 14.85
C SER B 94 -26.54 -4.43 14.43
N ALA B 95 -25.26 -4.23 14.71
CA ALA B 95 -24.60 -2.98 14.35
C ALA B 95 -24.19 -2.97 12.88
N PHE B 96 -23.80 -4.14 12.35
CA PHE B 96 -23.15 -4.25 11.03
C PHE B 96 -23.96 -5.25 10.22
N SER B 97 -23.60 -6.53 10.27
CA SER B 97 -24.34 -7.50 9.50
C SER B 97 -24.04 -8.88 10.10
N SER B 98 -24.82 -9.88 9.71
CA SER B 98 -24.45 -11.26 10.04
C SER B 98 -23.61 -11.91 8.95
N ARG B 99 -23.43 -11.21 7.83
CA ARG B 99 -22.90 -11.87 6.62
C ARG B 99 -21.37 -11.77 6.59
N GLU B 100 -20.72 -12.85 6.18
CA GLU B 100 -19.26 -12.86 5.99
C GLU B 100 -18.93 -12.67 4.52
N LEU B 101 -18.00 -11.77 4.23
CA LEU B 101 -17.56 -11.50 2.88
C LEU B 101 -16.61 -12.60 2.44
N ILE B 102 -16.85 -13.19 1.27
CA ILE B 102 -16.09 -14.33 0.74
C ILE B 102 -15.21 -13.94 -0.43
N ALA B 103 -15.72 -13.15 -1.37
CA ALA B 103 -14.97 -12.77 -2.58
C ALA B 103 -15.58 -11.51 -3.19
N ILE B 104 -14.74 -10.79 -3.93
CA ILE B 104 -15.13 -9.61 -4.69
C ILE B 104 -14.59 -9.81 -6.08
N THR B 105 -15.46 -9.80 -7.08
CA THR B 105 -15.03 -9.91 -8.47
C THR B 105 -15.58 -8.75 -9.27
N THR B 106 -14.97 -8.43 -10.39
CA THR B 106 -15.44 -7.29 -11.20
C THR B 106 -16.48 -7.72 -12.21
N CYS B 107 -17.27 -6.73 -12.61
CA CYS B 107 -18.24 -6.92 -13.70
C CYS B 107 -17.86 -6.01 -14.84
N SER B 108 -17.61 -6.60 -15.97
CA SER B 108 -17.31 -5.86 -17.19
C SER B 108 -18.49 -5.48 -18.03
N SER B 109 -19.68 -5.98 -17.71
CA SER B 109 -20.90 -5.65 -18.43
C SER B 109 -22.06 -5.90 -17.49
N SER B 110 -23.26 -5.50 -17.93
CA SER B 110 -24.46 -5.75 -17.14
C SER B 110 -24.73 -7.23 -16.96
N SER B 111 -24.15 -8.10 -17.80
CA SER B 111 -24.39 -9.53 -17.67
C SER B 111 -23.18 -10.34 -17.19
N TYR B 112 -21.97 -9.82 -17.28
CA TYR B 112 -20.83 -10.65 -16.93
C TYR B 112 -20.08 -10.08 -15.75
N CYS B 113 -19.88 -10.92 -14.71
CA CYS B 113 -18.90 -10.63 -13.68
C CYS B 113 -18.08 -11.92 -13.54
N MET B 114 -16.82 -11.81 -13.15
CA MET B 114 -16.01 -13.03 -13.03
C MET B 114 -16.55 -13.90 -11.88
N GLY B 115 -16.30 -15.20 -12.00
CA GLY B 115 -16.62 -16.13 -10.94
C GLY B 115 -17.78 -17.05 -11.28
N PRO B 116 -18.01 -18.07 -10.45
CA PRO B 116 -19.05 -19.06 -10.73
C PRO B 116 -20.45 -18.50 -10.47
N THR B 117 -21.41 -18.95 -11.24
CA THR B 117 -22.80 -18.61 -11.02
C THR B 117 -23.58 -19.89 -10.79
N VAL B 118 -24.73 -19.74 -10.13
CA VAL B 118 -25.61 -20.89 -9.88
C VAL B 118 -26.48 -21.18 -11.11
N ALA C 1 7.53 18.26 27.60
CA ALA C 1 7.35 18.32 26.16
C ALA C 1 7.68 16.95 25.64
N MET C 2 7.23 16.62 24.42
CA MET C 2 7.54 15.32 23.86
C MET C 2 9.01 15.23 23.49
N ALA C 3 9.69 14.24 24.07
CA ALA C 3 11.09 13.99 23.75
C ALA C 3 11.25 13.81 22.25
N ASP C 4 12.27 14.47 21.69
CA ASP C 4 12.63 14.39 20.27
C ASP C 4 11.70 15.17 19.35
N TYR C 5 10.81 16.01 19.91
CA TYR C 5 9.85 16.80 19.14
C TYR C 5 10.14 18.30 19.20
N ASP C 6 11.36 18.66 19.64
CA ASP C 6 11.70 20.05 19.87
C ASP C 6 12.26 20.75 18.65
N THR C 7 12.55 19.98 17.62
N THR C 7 12.69 20.03 17.61
CA THR C 7 13.18 20.54 16.43
CA THR C 7 13.26 20.71 16.44
C THR C 7 12.31 20.17 15.23
C THR C 7 12.52 20.25 15.19
N TYR C 8 11.90 21.19 14.49
CA TYR C 8 11.02 20.94 13.38
C TYR C 8 11.10 22.09 12.40
N VAL C 9 10.62 21.87 11.19
CA VAL C 9 10.45 22.96 10.24
C VAL C 9 9.03 22.90 9.71
N SER C 10 8.37 24.03 9.59
CA SER C 10 6.95 24.11 9.37
C SER C 10 6.64 24.69 7.99
N ASN C 11 5.44 24.29 7.46
CA ASN C 11 4.95 24.90 6.22
C ASN C 11 5.93 24.70 5.07
N VAL C 12 6.49 23.50 5.02
CA VAL C 12 7.39 23.08 3.94
C VAL C 12 6.68 22.11 3.00
N GLN C 13 7.31 21.84 1.86
CA GLN C 13 6.86 20.79 0.97
C GLN C 13 8.01 19.83 0.73
N ILE C 14 7.68 18.55 0.59
CA ILE C 14 8.67 17.55 0.22
C ILE C 14 8.79 17.61 -1.30
N ASN C 15 9.94 18.06 -1.80
CA ASN C 15 10.12 18.20 -3.25
C ASN C 15 11.17 17.28 -3.83
N ASN C 16 11.75 16.40 -3.02
CA ASN C 16 12.63 15.36 -3.53
C ASN C 16 12.60 14.17 -2.60
N LEU C 17 12.91 13.00 -3.15
N LEU C 17 12.91 13.01 -3.18
CA LEU C 17 12.84 11.79 -2.36
CA LEU C 17 12.89 11.75 -2.46
C LEU C 17 13.89 10.80 -2.86
C LEU C 17 14.09 10.89 -2.88
N SER C 18 14.58 10.11 -1.93
CA SER C 18 15.54 9.06 -2.28
C SER C 18 15.19 7.80 -1.51
N TYR C 19 15.34 6.63 -2.16
CA TYR C 19 15.22 5.38 -1.43
C TYR C 19 16.31 4.45 -1.93
N GLY C 20 16.98 3.79 -1.01
CA GLY C 20 18.03 2.85 -1.45
C GLY C 20 18.40 1.86 -0.40
N VAL C 21 19.31 0.96 -0.81
CA VAL C 21 19.87 -0.03 0.10
C VAL C 21 21.35 0.20 0.26
N TYR C 22 21.89 -0.17 1.42
CA TYR C 22 23.27 0.24 1.72
C TYR C 22 23.81 -0.63 2.84
N THR C 23 25.04 -1.10 2.70
CA THR C 23 25.69 -1.85 3.77
C THR C 23 26.42 -0.89 4.72
N SER C 24 26.19 -0.99 6.03
CA SER C 24 26.88 -0.12 6.97
C SER C 24 27.22 -0.91 8.22
N GLY C 25 28.48 -0.95 8.61
CA GLY C 25 28.83 -1.59 9.86
C GLY C 25 28.43 -3.04 9.94
N GLY C 26 28.55 -3.76 8.82
CA GLY C 26 28.23 -5.18 8.82
C GLY C 26 26.76 -5.49 8.74
N LYS C 27 25.89 -4.48 8.62
CA LYS C 27 24.46 -4.69 8.56
C LYS C 27 23.94 -4.23 7.21
N GLU C 28 22.99 -4.96 6.66
CA GLU C 28 22.33 -4.56 5.44
C GLU C 28 21.18 -3.62 5.79
N THR C 29 21.17 -2.43 5.22
CA THR C 29 20.17 -1.45 5.63
C THR C 29 19.34 -1.05 4.43
N GLN C 30 18.18 -0.49 4.74
CA GLN C 30 17.39 0.32 3.81
C GLN C 30 17.37 1.73 4.36
N PHE C 31 17.32 2.71 3.47
CA PHE C 31 17.14 4.09 3.95
C PHE C 31 16.29 4.85 2.94
N PHE C 32 15.70 5.95 3.41
CA PHE C 32 15.13 6.92 2.49
C PHE C 32 15.41 8.32 3.04
N CYS C 33 15.44 9.26 2.13
CA CYS C 33 15.71 10.66 2.49
C CYS C 33 14.73 11.56 1.77
N ILE C 34 14.29 12.62 2.45
CA ILE C 34 13.37 13.62 1.89
C ILE C 34 14.14 14.90 1.72
N GLY C 35 13.81 15.62 0.66
CA GLY C 35 14.33 16.96 0.40
C GLY C 35 13.17 17.95 0.53
N LEU C 36 13.45 19.14 1.04
CA LEU C 36 12.37 20.13 1.31
C LEU C 36 12.60 21.48 0.62
N LYS C 37 11.48 22.15 0.44
CA LYS C 37 11.46 23.57 0.01
C LYS C 37 10.39 24.29 0.84
N HIS C 38 10.45 25.62 0.85
CA HIS C 38 9.44 26.42 1.58
C HIS C 38 8.84 27.30 0.50
N GLY C 39 7.83 26.79 -0.17
CA GLY C 39 7.23 27.48 -1.33
C GLY C 39 8.27 27.68 -2.40
N SER C 40 8.63 28.91 -2.73
CA SER C 40 9.66 29.16 -3.79
C SER C 40 11.01 29.44 -3.18
N GLU C 41 11.14 29.33 -1.87
CA GLU C 41 12.43 29.60 -1.20
C GLU C 41 13.13 28.29 -0.86
N ALA C 42 14.44 28.33 -0.90
CA ALA C 42 15.24 27.19 -0.43
C ALA C 42 15.41 27.39 1.07
N ILE C 43 15.56 26.32 1.82
CA ILE C 43 15.75 26.58 3.26
C ILE C 43 17.05 25.96 3.74
N SER C 44 17.46 26.32 4.95
CA SER C 44 18.73 25.77 5.48
C SER C 44 18.55 24.28 5.82
N ILE C 45 17.52 23.94 6.58
CA ILE C 45 17.30 22.52 6.98
C ILE C 45 16.50 21.89 5.86
N ASN C 46 17.14 21.31 4.85
CA ASN C 46 16.31 20.88 3.72
C ASN C 46 16.42 19.39 3.42
N ALA C 47 16.93 18.59 4.35
CA ALA C 47 16.97 17.16 4.08
C ALA C 47 17.07 16.39 5.40
N MET C 48 16.51 15.21 5.38
CA MET C 48 16.41 14.37 6.54
C MET C 48 16.12 12.95 6.10
N CYS C 49 16.64 11.98 6.85
CA CYS C 49 16.60 10.58 6.42
C CYS C 49 16.19 9.66 7.55
N LYS C 50 15.73 8.45 7.16
CA LYS C 50 15.38 7.41 8.12
C LYS C 50 16.01 6.12 7.60
N VAL C 51 16.51 5.32 8.54
CA VAL C 51 17.23 4.09 8.21
C VAL C 51 16.55 2.96 8.98
N ASP C 52 16.37 1.79 8.35
CA ASP C 52 15.56 0.75 8.98
C ASP C 52 16.21 0.15 10.22
N VAL C 53 17.55 0.03 10.27
CA VAL C 53 18.21 -0.72 11.33
C VAL C 53 19.20 0.11 12.11
N TYR C 54 19.18 1.43 11.91
CA TYR C 54 19.99 2.40 12.67
C TYR C 54 19.11 3.57 13.04
N GLY C 55 19.56 4.35 14.00
CA GLY C 55 18.88 5.56 14.41
C GLY C 55 18.36 5.46 15.83
N ASN C 56 17.83 6.59 16.28
CA ASN C 56 17.20 6.60 17.60
C ASN C 56 15.87 5.89 17.62
N HIS C 57 15.21 5.79 16.49
CA HIS C 57 13.90 5.14 16.45
C HIS C 57 13.85 4.28 15.20
N LYS C 58 14.08 2.96 15.35
CA LYS C 58 14.20 2.09 14.20
C LYS C 58 12.81 1.67 13.70
N GLN C 59 11.77 1.78 14.55
CA GLN C 59 10.41 1.39 14.18
C GLN C 59 9.86 2.34 13.12
N GLY C 60 8.85 1.86 12.40
CA GLY C 60 8.08 2.72 11.51
C GLY C 60 8.72 3.01 10.17
N PHE C 61 9.69 2.19 9.72
CA PHE C 61 10.35 2.53 8.47
C PHE C 61 9.36 2.57 7.32
N ASP C 62 8.58 1.50 7.14
CA ASP C 62 7.66 1.43 6.00
C ASP C 62 6.58 2.50 6.13
N ASN C 63 6.02 2.69 7.34
CA ASN C 63 4.96 3.70 7.47
C ASN C 63 5.51 5.09 7.19
N MET C 64 6.74 5.40 7.65
CA MET C 64 7.30 6.72 7.41
C MET C 64 7.57 6.90 5.93
N LEU C 65 8.10 5.86 5.27
CA LEU C 65 8.37 5.93 3.83
C LEU C 65 7.10 6.20 3.05
N ASN C 66 6.03 5.47 3.36
CA ASN C 66 4.78 5.63 2.63
C ASN C 66 4.20 7.01 2.87
N THR C 67 4.38 7.53 4.09
CA THR C 67 3.90 8.89 4.41
C THR C 67 4.67 9.94 3.63
N ALA C 68 6.01 9.81 3.59
CA ALA C 68 6.81 10.75 2.82
C ALA C 68 6.50 10.71 1.36
N LYS C 69 6.32 9.51 0.81
CA LYS C 69 5.98 9.39 -0.60
C LYS C 69 4.65 10.07 -0.87
N TYR C 70 3.68 9.89 0.03
CA TYR C 70 2.38 10.54 -0.14
C TYR C 70 2.50 12.06 -0.27
N TYR C 71 3.23 12.69 0.65
CA TYR C 71 3.36 14.15 0.59
C TYR C 71 4.23 14.63 -0.56
N TYR C 72 5.21 13.82 -1.01
CA TYR C 72 5.90 14.17 -2.24
C TYR C 72 4.94 14.19 -3.41
N THR C 73 4.01 13.25 -3.43
CA THR C 73 3.04 13.21 -4.52
C THR C 73 2.10 14.40 -4.47
N THR C 74 1.57 14.73 -3.29
CA THR C 74 0.56 15.76 -3.25
C THR C 74 1.16 17.16 -3.30
N GLY C 75 2.40 17.34 -2.87
CA GLY C 75 3.03 18.64 -2.69
C GLY C 75 2.43 19.46 -1.57
N GLY C 76 1.68 18.82 -0.67
CA GLY C 76 1.01 19.55 0.39
C GLY C 76 1.97 20.07 1.45
N ASP C 77 1.50 21.11 2.17
CA ASP C 77 2.27 21.70 3.25
C ASP C 77 2.32 20.78 4.44
N VAL C 78 3.50 20.60 4.99
CA VAL C 78 3.74 19.73 6.13
C VAL C 78 4.67 20.41 7.12
N ARG C 79 4.71 19.85 8.32
CA ARG C 79 5.76 20.12 9.31
C ARG C 79 6.56 18.85 9.47
N ILE C 80 7.88 18.98 9.43
CA ILE C 80 8.79 17.86 9.58
C ILE C 80 9.49 17.98 10.92
N TYR C 81 9.35 16.98 11.77
CA TYR C 81 10.13 16.89 12.99
C TYR C 81 11.36 16.04 12.72
N TYR C 82 12.53 16.49 13.21
CA TYR C 82 13.77 15.81 12.89
C TYR C 82 14.70 15.92 14.09
N LYS C 83 15.78 15.12 14.07
CA LYS C 83 16.78 15.16 15.13
C LYS C 83 18.14 15.37 14.47
N GLU C 84 18.91 16.32 15.01
CA GLU C 84 20.20 16.70 14.44
C GLU C 84 21.27 15.69 14.80
N ASN C 85 22.28 15.57 13.92
CA ASN C 85 23.53 14.88 14.24
C ASN C 85 23.32 13.40 14.55
N VAL C 86 22.45 12.74 13.78
CA VAL C 86 22.26 11.30 13.99
C VAL C 86 23.17 10.48 13.08
N TRP C 87 23.10 10.74 11.77
CA TRP C 87 23.95 9.99 10.81
C TRP C 87 25.33 10.63 10.84
N ARG C 88 26.27 9.86 11.34
CA ARG C 88 27.66 10.33 11.56
C ARG C 88 28.64 9.67 10.60
N ASP C 89 28.16 8.99 9.57
CA ASP C 89 29.05 8.41 8.54
C ASP C 89 29.21 9.58 7.57
N PRO C 90 30.41 10.20 7.47
CA PRO C 90 30.57 11.36 6.62
C PRO C 90 30.18 11.18 5.17
N ASP C 91 30.41 10.02 4.60
CA ASP C 91 30.04 9.84 3.18
C ASP C 91 28.51 9.78 3.04
N PHE C 92 27.80 9.26 4.03
CA PHE C 92 26.32 9.26 3.96
C PHE C 92 25.82 10.69 4.20
N LYS C 93 26.41 11.38 5.18
CA LYS C 93 26.01 12.74 5.51
C LYS C 93 26.27 13.68 4.32
N SER C 94 27.40 13.48 3.62
CA SER C 94 27.72 14.28 2.43
C SER C 94 26.75 13.97 1.29
N ALA C 95 26.34 12.69 1.16
CA ALA C 95 25.46 12.27 0.06
C ALA C 95 24.01 12.61 0.31
N PHE C 96 23.57 12.52 1.58
CA PHE C 96 22.16 12.62 1.93
C PHE C 96 22.00 13.62 3.07
N SER C 97 22.01 13.18 4.34
CA SER C 97 21.87 14.14 5.44
C SER C 97 22.41 13.52 6.74
N SER C 98 22.66 14.37 7.73
CA SER C 98 22.95 13.94 9.12
C SER C 98 21.70 13.84 10.01
N ARG C 99 20.54 14.27 9.52
CA ARG C 99 19.38 14.41 10.38
C ARG C 99 18.48 13.18 10.27
N GLU C 100 17.91 12.74 11.39
CA GLU C 100 16.93 11.65 11.42
C GLU C 100 15.49 12.18 11.39
N LEU C 101 14.70 11.68 10.47
CA LEU C 101 13.31 12.01 10.36
C LEU C 101 12.53 11.36 11.49
N ILE C 102 11.75 12.20 12.22
CA ILE C 102 11.03 11.77 13.43
C ILE C 102 9.52 11.70 13.19
N ALA C 103 8.97 12.68 12.48
CA ALA C 103 7.51 12.75 12.30
C ALA C 103 7.19 13.68 11.15
N ILE C 104 5.99 13.44 10.55
CA ILE C 104 5.47 14.29 9.48
C ILE C 104 4.05 14.61 9.87
N THR C 105 3.73 15.88 9.94
CA THR C 105 2.36 16.32 10.25
C THR C 105 1.92 17.31 9.18
N THR C 106 0.61 17.50 9.05
CA THR C 106 0.12 18.38 8.02
C THR C 106 -0.11 19.79 8.51
N CYS C 107 -0.13 20.71 7.56
CA CYS C 107 -0.53 22.10 7.83
C CYS C 107 -1.75 22.42 7.02
N SER C 108 -2.89 22.59 7.69
CA SER C 108 -4.09 22.85 6.96
C SER C 108 -4.25 24.29 6.57
N SER C 109 -3.36 25.17 7.04
CA SER C 109 -3.39 26.54 6.61
C SER C 109 -1.98 27.08 6.78
N SER C 110 -1.79 28.32 6.30
CA SER C 110 -0.48 28.96 6.48
C SER C 110 -0.20 29.22 7.94
N SER C 111 -1.23 29.23 8.80
CA SER C 111 -1.07 29.52 10.22
C SER C 111 -1.17 28.30 11.15
N TYR C 112 -1.56 27.11 10.66
CA TYR C 112 -1.71 25.99 11.57
C TYR C 112 -1.04 24.76 11.00
N CYS C 113 -0.20 24.08 11.79
CA CYS C 113 0.24 22.71 11.52
C CYS C 113 -0.03 21.89 12.75
N MET C 114 -0.38 20.63 12.55
CA MET C 114 -0.68 19.73 13.64
C MET C 114 0.60 19.37 14.37
N GLY C 115 0.49 19.05 15.66
CA GLY C 115 1.60 18.53 16.42
C GLY C 115 2.11 19.47 17.51
N PRO C 116 3.00 18.94 18.34
CA PRO C 116 3.48 19.71 19.49
C PRO C 116 4.37 20.87 19.05
N THR C 117 4.28 21.99 19.75
CA THR C 117 5.19 23.09 19.49
C THR C 117 5.95 23.39 20.78
N VAL C 118 7.13 24.00 20.61
CA VAL C 118 7.93 24.31 21.79
C VAL C 118 7.15 25.22 22.74
N THR C 119 7.59 25.21 24.01
CA THR C 119 6.90 26.00 25.02
C THR C 119 6.99 27.50 24.74
N ASN C 120 8.18 27.97 24.42
CA ASN C 120 8.36 29.44 24.21
C ASN C 120 9.58 29.65 23.32
N LEU C 121 9.99 30.90 23.20
CA LEU C 121 11.13 31.32 22.35
C LEU C 121 12.45 30.65 22.75
N GLU C 122 12.63 30.27 24.02
CA GLU C 122 13.87 29.59 24.40
C GLU C 122 13.67 28.08 24.60
N SER C 123 12.47 27.55 24.33
CA SER C 123 12.20 26.12 24.51
C SER C 123 12.53 25.69 25.94
N ASP C 124 12.11 26.51 26.91
CA ASP C 124 12.37 26.24 28.33
C ASP C 124 11.77 24.92 28.78
N ALA D 1 33.48 7.55 -0.42
CA ALA D 1 32.15 7.50 -1.01
C ALA D 1 31.35 6.32 -0.47
N MET D 2 30.02 6.35 -0.61
CA MET D 2 29.17 5.23 -0.18
C MET D 2 29.37 4.02 -1.07
N ALA D 3 29.69 2.90 -0.43
CA ALA D 3 29.82 1.63 -1.15
C ALA D 3 28.56 1.34 -1.95
N ASP D 4 28.76 0.97 -3.22
CA ASP D 4 27.75 0.58 -4.19
C ASP D 4 26.97 1.77 -4.75
N TYR D 5 27.45 3.01 -4.57
CA TYR D 5 26.79 4.19 -5.12
C TYR D 5 27.64 4.84 -6.24
N ASP D 6 28.62 4.15 -6.78
CA ASP D 6 29.56 4.75 -7.73
C ASP D 6 29.04 4.75 -9.16
N THR D 7 28.00 3.95 -9.45
CA THR D 7 27.55 3.73 -10.83
C THR D 7 26.08 4.11 -10.92
N TYR D 8 25.75 5.10 -11.74
CA TYR D 8 24.39 5.61 -11.83
C TYR D 8 24.15 6.25 -13.18
N VAL D 9 22.85 6.41 -13.52
CA VAL D 9 22.43 7.22 -14.66
C VAL D 9 21.42 8.24 -14.13
N SER D 10 21.52 9.48 -14.60
CA SER D 10 20.74 10.60 -14.07
C SER D 10 19.73 11.10 -15.10
N ASN D 11 18.62 11.63 -14.58
CA ASN D 11 17.61 12.30 -15.41
C ASN D 11 17.09 11.34 -16.48
N VAL D 12 16.76 10.12 -16.03
CA VAL D 12 16.18 9.07 -16.88
C VAL D 12 14.72 8.87 -16.49
N GLN D 13 14.00 8.17 -17.34
CA GLN D 13 12.60 7.84 -17.08
C GLN D 13 12.46 6.32 -17.20
N ILE D 14 11.68 5.74 -16.33
CA ILE D 14 11.38 4.30 -16.40
C ILE D 14 10.20 4.12 -17.35
N ASN D 15 10.40 3.38 -18.45
CA ASN D 15 9.32 3.20 -19.41
C ASN D 15 8.82 1.77 -19.56
N ASN D 16 9.32 0.82 -18.75
CA ASN D 16 8.80 -0.53 -18.77
C ASN D 16 9.11 -1.16 -17.42
N LEU D 17 8.27 -2.12 -17.03
CA LEU D 17 8.37 -2.80 -15.74
C LEU D 17 8.02 -4.26 -15.94
N SER D 18 8.74 -5.14 -15.27
CA SER D 18 8.45 -6.57 -15.24
C SER D 18 8.39 -7.02 -13.79
N TYR D 19 7.48 -7.89 -13.45
CA TYR D 19 7.48 -8.52 -12.14
C TYR D 19 7.13 -10.00 -12.35
N GLY D 20 7.85 -10.88 -11.72
CA GLY D 20 7.56 -12.30 -11.89
C GLY D 20 8.05 -13.14 -10.72
N VAL D 21 7.65 -14.42 -10.81
CA VAL D 21 8.17 -15.44 -9.90
C VAL D 21 8.90 -16.48 -10.76
N TYR D 22 9.97 -17.10 -10.20
CA TYR D 22 10.90 -17.85 -11.04
C TYR D 22 11.79 -18.70 -10.15
N THR D 23 12.02 -19.94 -10.56
CA THR D 23 12.98 -20.80 -9.88
C THR D 23 14.35 -20.57 -10.51
N SER D 24 15.34 -20.16 -9.70
CA SER D 24 16.70 -19.92 -10.22
C SER D 24 17.73 -20.52 -9.28
N GLY D 25 18.63 -21.32 -9.84
CA GLY D 25 19.69 -21.88 -9.05
C GLY D 25 19.21 -22.65 -7.84
N GLY D 26 18.10 -23.37 -7.98
CA GLY D 26 17.61 -24.18 -6.89
C GLY D 26 16.78 -23.43 -5.84
N LYS D 27 16.50 -22.16 -6.02
CA LYS D 27 15.76 -21.38 -5.05
C LYS D 27 14.52 -20.81 -5.72
N GLU D 28 13.44 -20.67 -4.95
CA GLU D 28 12.25 -19.95 -5.45
C GLU D 28 12.43 -18.45 -5.26
N THR D 29 12.26 -17.67 -6.34
CA THR D 29 12.54 -16.24 -6.24
C THR D 29 11.33 -15.43 -6.71
N GLN D 30 11.33 -14.16 -6.30
CA GLN D 30 10.59 -13.11 -6.97
C GLN D 30 11.61 -12.18 -7.58
N PHE D 31 11.26 -11.56 -8.73
CA PHE D 31 12.14 -10.49 -9.22
C PHE D 31 11.29 -9.39 -9.83
N PHE D 32 11.86 -8.20 -9.93
CA PHE D 32 11.31 -7.24 -10.85
C PHE D 32 12.43 -6.58 -11.62
N CYS D 33 12.10 -6.01 -12.77
CA CYS D 33 13.04 -5.32 -13.62
C CYS D 33 12.45 -4.06 -14.18
N ILE D 34 13.27 -3.03 -14.27
CA ILE D 34 12.89 -1.75 -14.88
C ILE D 34 13.63 -1.58 -16.17
N GLY D 35 12.97 -1.01 -17.15
CA GLY D 35 13.60 -0.60 -18.38
C GLY D 35 13.57 0.91 -18.47
N LEU D 36 14.59 1.50 -19.07
CA LEU D 36 14.71 2.95 -19.15
C LEU D 36 14.45 3.42 -20.57
N LYS D 37 13.88 4.63 -20.66
CA LYS D 37 13.49 5.18 -21.95
C LYS D 37 14.72 5.73 -22.66
N HIS D 38 14.80 5.47 -23.96
CA HIS D 38 15.84 6.02 -24.82
C HIS D 38 15.18 6.76 -25.98
N GLY D 39 15.15 8.08 -25.87
CA GLY D 39 14.49 8.88 -26.90
C GLY D 39 13.04 8.43 -27.09
N SER D 40 12.65 8.21 -28.34
CA SER D 40 11.29 7.78 -28.67
C SER D 40 11.20 6.29 -28.93
N GLU D 41 12.26 5.54 -28.65
CA GLU D 41 12.27 4.12 -28.98
C GLU D 41 11.34 3.35 -28.05
N ALA D 42 10.69 2.31 -28.58
CA ALA D 42 9.85 1.50 -27.72
C ALA D 42 10.68 0.59 -26.84
N ILE D 43 11.78 0.06 -27.38
CA ILE D 43 12.59 -0.88 -26.62
C ILE D 43 13.38 -0.13 -25.56
N SER D 44 13.35 -0.63 -24.32
CA SER D 44 14.04 0.06 -23.24
C SER D 44 15.52 -0.29 -23.31
N ILE D 45 16.34 0.54 -22.68
CA ILE D 45 17.75 0.30 -22.54
C ILE D 45 18.07 0.19 -21.04
N ASN D 46 19.28 -0.26 -20.75
CA ASN D 46 19.85 -0.24 -19.40
C ASN D 46 18.91 -0.85 -18.37
N ALA D 47 18.37 -2.02 -18.70
CA ALA D 47 17.43 -2.60 -17.73
C ALA D 47 18.19 -2.99 -16.48
N MET D 48 17.53 -2.90 -15.34
N MET D 48 17.53 -2.88 -15.33
CA MET D 48 18.13 -3.20 -14.05
CA MET D 48 18.13 -3.21 -14.06
C MET D 48 17.10 -3.95 -13.24
C MET D 48 17.10 -3.97 -13.25
N CYS D 49 17.55 -4.86 -12.37
CA CYS D 49 16.62 -5.77 -11.70
C CYS D 49 16.96 -5.92 -10.23
N LYS D 50 16.01 -6.47 -9.49
CA LYS D 50 16.16 -6.78 -8.07
C LYS D 50 15.49 -8.11 -7.82
N VAL D 51 16.10 -8.94 -7.00
CA VAL D 51 15.66 -10.31 -6.75
C VAL D 51 15.55 -10.47 -5.24
N ASP D 52 14.49 -11.11 -4.76
CA ASP D 52 14.28 -11.13 -3.33
C ASP D 52 15.28 -11.98 -2.55
N VAL D 53 15.83 -13.04 -3.14
CA VAL D 53 16.67 -14.00 -2.41
C VAL D 53 18.07 -14.10 -2.96
N TYR D 54 18.41 -13.25 -3.92
CA TYR D 54 19.79 -13.18 -4.46
C TYR D 54 20.18 -11.73 -4.55
N GLY D 55 21.48 -11.48 -4.65
CA GLY D 55 22.04 -10.16 -4.89
C GLY D 55 22.92 -9.72 -3.75
N ASN D 56 23.56 -8.58 -4.00
CA ASN D 56 24.38 -7.97 -2.97
C ASN D 56 23.55 -7.40 -1.84
N HIS D 57 22.28 -7.09 -2.12
CA HIS D 57 21.41 -6.53 -1.09
C HIS D 57 20.05 -7.16 -1.27
N LYS D 58 19.72 -8.13 -0.42
CA LYS D 58 18.44 -8.80 -0.54
C LYS D 58 17.30 -8.03 0.10
N GLN D 59 17.64 -7.11 1.03
CA GLN D 59 16.62 -6.33 1.72
C GLN D 59 15.93 -5.35 0.78
N GLY D 60 14.74 -4.92 1.18
CA GLY D 60 14.07 -3.85 0.46
C GLY D 60 13.40 -4.27 -0.82
N PHE D 61 13.11 -5.57 -1.04
CA PHE D 61 12.47 -5.97 -2.29
C PHE D 61 11.13 -5.24 -2.48
N ASP D 62 10.22 -5.34 -1.49
CA ASP D 62 8.89 -4.75 -1.71
C ASP D 62 8.99 -3.22 -1.83
N ASN D 63 9.82 -2.58 -0.98
CA ASN D 63 9.90 -1.11 -1.04
C ASN D 63 10.51 -0.66 -2.36
N MET D 64 11.51 -1.38 -2.86
CA MET D 64 12.08 -0.97 -4.13
C MET D 64 11.09 -1.20 -5.26
N LEU D 65 10.35 -2.32 -5.23
CA LEU D 65 9.32 -2.57 -6.25
C LEU D 65 8.29 -1.45 -6.28
N ASN D 66 7.82 -1.05 -5.11
CA ASN D 66 6.77 -0.02 -5.07
C ASN D 66 7.33 1.33 -5.52
N THR D 67 8.59 1.59 -5.22
CA THR D 67 9.23 2.84 -5.68
C THR D 67 9.36 2.84 -7.20
N ALA D 68 9.83 1.72 -7.77
CA ALA D 68 9.93 1.63 -9.22
C ALA D 68 8.57 1.77 -9.90
N LYS D 69 7.54 1.10 -9.36
CA LYS D 69 6.21 1.23 -9.95
C LYS D 69 5.76 2.69 -9.88
N TYR D 70 6.04 3.38 -8.77
CA TYR D 70 5.66 4.78 -8.63
C TYR D 70 6.22 5.64 -9.77
N TYR D 71 7.52 5.53 -10.06
CA TYR D 71 8.10 6.37 -11.11
C TYR D 71 7.75 5.92 -12.51
N TYR D 72 7.47 4.62 -12.69
CA TYR D 72 6.89 4.18 -13.96
C TYR D 72 5.52 4.86 -14.17
N THR D 73 4.73 4.99 -13.11
CA THR D 73 3.43 5.67 -13.21
C THR D 73 3.59 7.16 -13.53
N THR D 74 4.47 7.86 -12.81
CA THR D 74 4.53 9.30 -13.01
C THR D 74 5.32 9.69 -14.23
N GLY D 75 6.21 8.82 -14.70
CA GLY D 75 7.15 9.18 -15.75
C GLY D 75 8.16 10.22 -15.34
N GLY D 76 8.32 10.47 -14.04
CA GLY D 76 9.20 11.55 -13.60
C GLY D 76 10.67 11.20 -13.80
N ASP D 77 11.48 12.25 -13.87
CA ASP D 77 12.91 12.10 -14.04
C ASP D 77 13.52 11.61 -12.74
N VAL D 78 14.36 10.58 -12.82
CA VAL D 78 15.00 10.02 -11.65
C VAL D 78 16.46 9.76 -11.94
N ARG D 79 17.23 9.52 -10.87
CA ARG D 79 18.59 8.97 -10.94
C ARG D 79 18.52 7.56 -10.40
N ILE D 80 19.12 6.63 -11.13
CA ILE D 80 19.12 5.24 -10.74
C ILE D 80 20.55 4.82 -10.47
N TYR D 81 20.80 4.32 -9.25
CA TYR D 81 22.10 3.74 -8.89
C TYR D 81 21.97 2.23 -9.03
N TYR D 82 22.99 1.61 -9.62
CA TYR D 82 22.93 0.18 -9.91
C TYR D 82 24.34 -0.40 -9.86
N LYS D 83 24.41 -1.73 -9.76
CA LYS D 83 25.69 -2.48 -9.70
C LYS D 83 25.81 -3.36 -10.95
N GLU D 84 26.86 -3.22 -11.71
CA GLU D 84 27.01 -4.01 -12.95
C GLU D 84 27.47 -5.41 -12.58
N ASN D 85 27.22 -6.26 -13.51
CA ASN D 85 27.71 -7.67 -13.40
C ASN D 85 27.34 -8.30 -12.04
N VAL D 86 26.05 -8.53 -11.81
CA VAL D 86 25.61 -9.21 -10.59
C VAL D 86 24.96 -10.55 -10.90
N TRP D 87 23.90 -10.56 -11.68
CA TRP D 87 23.11 -11.82 -11.88
C TRP D 87 23.91 -12.87 -12.63
N ARG D 88 23.93 -14.09 -12.11
CA ARG D 88 24.71 -15.16 -12.76
C ARG D 88 23.82 -16.18 -13.47
N ASP D 89 22.52 -16.21 -13.18
CA ASP D 89 21.64 -17.19 -13.86
C ASP D 89 21.67 -16.76 -15.29
N PRO D 90 22.23 -17.55 -16.42
CA PRO D 90 22.40 -17.12 -17.80
C PRO D 90 21.08 -16.86 -18.51
N ASP D 91 20.07 -17.63 -18.16
CA ASP D 91 18.77 -17.43 -18.81
C ASP D 91 18.16 -16.13 -18.37
N PHE D 92 18.31 -15.81 -17.09
CA PHE D 92 17.77 -14.54 -16.59
C PHE D 92 18.53 -13.36 -17.18
N LYS D 93 19.85 -13.49 -17.24
CA LYS D 93 20.65 -12.38 -17.68
C LYS D 93 20.36 -12.10 -19.14
N SER D 94 20.12 -13.14 -19.94
CA SER D 94 19.79 -12.95 -21.36
C SER D 94 18.38 -12.36 -21.53
N ALA D 95 17.44 -12.70 -20.65
CA ALA D 95 16.04 -12.27 -20.77
C ALA D 95 15.82 -10.88 -20.27
N PHE D 96 16.56 -10.49 -19.23
CA PHE D 96 16.29 -9.28 -18.46
C PHE D 96 17.55 -8.46 -18.39
N SER D 97 18.42 -8.73 -17.40
CA SER D 97 19.62 -7.93 -17.26
C SER D 97 20.64 -8.64 -16.36
N SER D 98 21.88 -8.17 -16.33
CA SER D 98 22.84 -8.54 -15.28
C SER D 98 22.94 -7.53 -14.13
N ARG D 99 22.27 -6.40 -14.23
CA ARG D 99 22.48 -5.27 -13.29
C ARG D 99 21.54 -5.35 -12.10
N GLU D 100 22.05 -5.04 -10.89
CA GLU D 100 21.24 -4.98 -9.65
C GLU D 100 20.90 -3.54 -9.30
N LEU D 101 19.64 -3.26 -9.08
N LEU D 101 19.62 -3.28 -9.08
CA LEU D 101 19.15 -1.94 -8.69
CA LEU D 101 19.18 -1.98 -8.60
C LEU D 101 19.47 -1.67 -7.23
C LEU D 101 19.69 -1.75 -7.20
N ILE D 102 20.15 -0.53 -6.96
CA ILE D 102 20.63 -0.12 -5.65
C ILE D 102 19.77 1.00 -5.05
N ALA D 103 19.41 1.99 -5.85
CA ALA D 103 18.69 3.15 -5.25
C ALA D 103 18.00 3.89 -6.37
N ILE D 104 16.93 4.59 -6.03
CA ILE D 104 16.23 5.47 -6.97
C ILE D 104 16.03 6.78 -6.26
N THR D 105 16.46 7.87 -6.90
CA THR D 105 16.27 9.21 -6.31
C THR D 105 15.63 10.14 -7.33
N THR D 106 14.99 11.21 -6.86
CA THR D 106 14.32 12.13 -7.77
C THR D 106 15.29 13.19 -8.29
N CYS D 107 14.93 13.76 -9.45
CA CYS D 107 15.62 14.90 -10.04
C CYS D 107 14.63 16.04 -10.06
N SER D 108 14.96 17.09 -9.35
CA SER D 108 14.12 18.26 -9.31
C SER D 108 14.44 19.25 -10.42
N SER D 109 15.50 19.01 -11.17
CA SER D 109 15.81 19.82 -12.32
C SER D 109 16.71 19.04 -13.25
N SER D 110 16.93 19.61 -14.43
CA SER D 110 17.86 19.07 -15.41
C SER D 110 19.24 18.97 -14.81
N SER D 111 19.45 19.68 -13.71
CA SER D 111 20.74 19.91 -13.09
C SER D 111 20.98 19.22 -11.75
N TYR D 112 19.93 18.79 -11.06
CA TYR D 112 20.08 18.26 -9.70
C TYR D 112 19.26 17.00 -9.54
N CYS D 113 19.87 15.95 -9.02
CA CYS D 113 19.16 14.79 -8.50
C CYS D 113 19.71 14.51 -7.12
N MET D 114 18.90 13.95 -6.25
CA MET D 114 19.41 13.66 -4.91
C MET D 114 20.46 12.55 -4.98
N GLY D 115 21.36 12.57 -4.02
CA GLY D 115 22.32 11.52 -3.87
C GLY D 115 23.73 11.88 -4.28
N PRO D 116 24.66 10.99 -3.95
CA PRO D 116 26.08 11.28 -4.19
C PRO D 116 26.44 11.21 -5.68
N THR D 117 27.42 12.02 -6.09
CA THR D 117 27.89 12.04 -7.46
C THR D 117 29.36 11.66 -7.53
N VAL D 118 29.81 11.27 -8.74
CA VAL D 118 31.21 10.98 -9.02
C VAL D 118 31.62 11.81 -10.24
N THR D 119 32.90 12.15 -10.30
CA THR D 119 33.41 12.87 -11.48
C THR D 119 34.52 12.05 -12.10
N ALA E 1 -25.21 -3.55 23.02
CA ALA E 1 -24.40 -2.64 22.19
C ALA E 1 -22.95 -3.06 22.17
N MET E 2 -22.22 -2.61 21.13
CA MET E 2 -20.82 -2.93 20.99
C MET E 2 -19.95 -2.14 21.98
N ALA E 3 -19.18 -2.86 22.80
CA ALA E 3 -18.27 -2.23 23.72
C ALA E 3 -17.31 -1.33 22.96
N ASP E 4 -17.14 -0.08 23.44
CA ASP E 4 -16.24 0.93 22.90
C ASP E 4 -16.78 1.57 21.64
N TYR E 5 -18.08 1.38 21.31
CA TYR E 5 -18.69 1.99 20.13
C TYR E 5 -19.76 3.02 20.51
N ASP E 6 -19.79 3.44 21.78
CA ASP E 6 -20.84 4.32 22.25
C ASP E 6 -20.52 5.80 22.09
N THR E 7 -19.31 6.17 21.71
CA THR E 7 -18.85 7.55 21.65
C THR E 7 -18.30 7.80 20.25
N TYR E 8 -18.89 8.74 19.52
CA TYR E 8 -18.53 8.98 18.13
C TYR E 8 -18.92 10.41 17.76
N VAL E 9 -18.34 10.91 16.68
CA VAL E 9 -18.77 12.16 16.02
C VAL E 9 -19.02 11.85 14.54
N SER E 10 -20.11 12.34 13.97
CA SER E 10 -20.55 11.95 12.64
C SER E 10 -20.40 13.08 11.64
N ASN E 11 -20.26 12.71 10.38
CA ASN E 11 -20.26 13.67 9.27
C ASN E 11 -19.18 14.72 9.44
N VAL E 12 -18.02 14.26 9.89
CA VAL E 12 -16.84 15.11 10.01
C VAL E 12 -15.92 14.81 8.84
N GLN E 13 -14.92 15.65 8.66
CA GLN E 13 -13.85 15.38 7.69
C GLN E 13 -12.52 15.34 8.42
N ILE E 14 -11.62 14.46 7.96
CA ILE E 14 -10.27 14.43 8.50
C ILE E 14 -9.49 15.50 7.73
N ASN E 15 -9.18 16.62 8.39
CA ASN E 15 -8.47 17.70 7.69
C ASN E 15 -7.03 17.87 8.13
N ASN E 16 -6.55 17.01 9.05
CA ASN E 16 -5.11 17.02 9.39
C ASN E 16 -4.72 15.64 9.86
N LEU E 17 -3.43 15.32 9.73
N LEU E 17 -3.44 15.34 9.69
CA LEU E 17 -2.95 14.00 10.07
CA LEU E 17 -2.87 14.05 10.03
C LEU E 17 -1.51 14.14 10.55
C LEU E 17 -1.50 14.28 10.68
N SER E 18 -1.15 13.42 11.62
CA SER E 18 0.23 13.38 12.13
C SER E 18 0.63 11.92 12.22
N TYR E 19 1.87 11.62 11.84
CA TYR E 19 2.41 10.28 12.02
C TYR E 19 3.84 10.47 12.53
N GLY E 20 4.19 9.74 13.57
CA GLY E 20 5.55 9.85 14.07
C GLY E 20 6.00 8.69 14.90
N VAL E 21 7.28 8.73 15.24
CA VAL E 21 7.87 7.73 16.11
C VAL E 21 8.31 8.45 17.39
N TYR E 22 8.29 7.74 18.52
CA TYR E 22 8.35 8.46 19.78
C TYR E 22 8.60 7.47 20.91
N THR E 23 9.45 7.83 21.84
CA THR E 23 9.68 7.04 23.05
C THR E 23 8.70 7.52 24.12
N SER E 24 7.89 6.60 24.63
CA SER E 24 6.87 6.96 25.62
C SER E 24 6.91 5.94 26.73
N GLY E 25 7.07 6.42 27.97
CA GLY E 25 7.02 5.48 29.07
C GLY E 25 8.04 4.37 28.94
N GLY E 26 9.23 4.66 28.41
CA GLY E 26 10.25 3.60 28.28
C GLY E 26 10.00 2.60 27.17
N LYS E 27 9.05 2.88 26.28
CA LYS E 27 8.79 1.96 25.15
C LYS E 27 8.93 2.75 23.85
N GLU E 28 9.42 2.08 22.82
CA GLU E 28 9.51 2.68 21.46
C GLU E 28 8.15 2.53 20.77
N THR E 29 7.59 3.67 20.39
CA THR E 29 6.24 3.66 19.77
C THR E 29 6.23 4.24 18.36
N GLN E 30 5.20 3.90 17.62
CA GLN E 30 4.70 4.69 16.52
C GLN E 30 3.34 5.22 16.95
N PHE E 31 2.95 6.37 16.40
CA PHE E 31 1.61 6.86 16.64
C PHE E 31 1.11 7.57 15.40
N PHE E 32 -0.18 7.70 15.29
CA PHE E 32 -0.73 8.70 14.39
C PHE E 32 -1.92 9.35 15.08
N CYS E 33 -2.26 10.54 14.60
CA CYS E 33 -3.37 11.31 15.15
C CYS E 33 -4.10 11.97 14.01
N ILE E 34 -5.43 12.01 14.09
CA ILE E 34 -6.26 12.67 13.08
C ILE E 34 -6.82 13.94 13.68
N GLY E 35 -6.86 14.98 12.88
CA GLY E 35 -7.55 16.22 13.22
C GLY E 35 -8.78 16.34 12.35
N LEU E 36 -9.86 16.84 12.96
CA LEU E 36 -11.18 16.86 12.34
C LEU E 36 -11.70 18.26 12.17
N LYS E 37 -12.53 18.44 11.14
CA LYS E 37 -13.41 19.59 10.98
C LYS E 37 -14.82 19.08 10.70
N HIS E 38 -15.79 19.97 10.81
CA HIS E 38 -17.17 19.64 10.39
C HIS E 38 -17.61 20.85 9.58
N GLY E 39 -17.22 20.90 8.31
CA GLY E 39 -17.54 22.08 7.53
C GLY E 39 -17.00 23.31 8.22
N SER E 40 -17.93 24.25 8.46
CA SER E 40 -17.67 25.55 9.05
C SER E 40 -17.91 25.59 10.55
N GLU E 41 -18.41 24.52 11.12
CA GLU E 41 -18.93 24.51 12.48
C GLU E 41 -17.79 24.42 13.48
N ALA E 42 -17.88 25.13 14.59
CA ALA E 42 -16.87 25.03 15.63
C ALA E 42 -17.01 23.71 16.37
N ILE E 43 -15.98 22.89 16.30
CA ILE E 43 -15.96 21.64 17.05
C ILE E 43 -14.84 21.67 18.07
N SER E 44 -15.08 21.05 19.23
CA SER E 44 -14.05 20.95 20.24
C SER E 44 -13.47 19.54 20.33
N ILE E 45 -14.26 18.55 19.95
CA ILE E 45 -13.81 17.14 19.99
C ILE E 45 -13.20 16.91 18.61
N ASN E 46 -11.96 17.24 18.48
CA ASN E 46 -11.44 17.32 17.11
C ASN E 46 -10.10 16.65 16.90
N ALA E 47 -9.62 15.80 17.82
CA ALA E 47 -8.37 15.07 17.63
C ALA E 47 -8.47 13.68 18.27
N MET E 48 -7.94 12.66 17.63
CA MET E 48 -8.02 11.26 18.11
C MET E 48 -6.76 10.55 17.62
N CYS E 49 -6.24 9.66 18.42
CA CYS E 49 -4.92 9.04 18.11
C CYS E 49 -4.91 7.55 18.33
N LYS E 50 -3.92 6.92 17.72
CA LYS E 50 -3.74 5.50 17.86
C LYS E 50 -2.23 5.27 17.99
N VAL E 51 -1.83 4.37 18.86
CA VAL E 51 -0.45 4.09 19.20
C VAL E 51 -0.21 2.60 19.03
N ASP E 52 0.91 2.20 18.45
CA ASP E 52 1.11 0.80 18.09
C ASP E 52 1.24 -0.13 19.29
N VAL E 53 1.81 0.32 20.41
CA VAL E 53 2.14 -0.54 21.55
C VAL E 53 1.45 -0.12 22.83
N TYR E 54 0.52 0.84 22.76
CA TYR E 54 -0.26 1.26 23.92
C TYR E 54 -1.70 1.37 23.46
N GLY E 55 -2.61 1.34 24.43
CA GLY E 55 -4.02 1.57 24.19
C GLY E 55 -4.87 0.37 24.56
N ASN E 56 -6.18 0.59 24.54
CA ASN E 56 -7.11 -0.52 24.79
C ASN E 56 -7.12 -1.54 23.66
N HIS E 57 -6.75 -1.13 22.44
CA HIS E 57 -6.75 -2.04 21.28
C HIS E 57 -5.48 -1.73 20.50
N LYS E 58 -4.44 -2.55 20.68
CA LYS E 58 -3.17 -2.34 20.01
C LYS E 58 -3.15 -2.86 18.57
N GLN E 59 -4.04 -3.79 18.24
CA GLN E 59 -4.12 -4.33 16.90
C GLN E 59 -4.56 -3.25 15.91
N GLY E 60 -4.25 -3.50 14.64
CA GLY E 60 -4.77 -2.70 13.56
C GLY E 60 -4.08 -1.38 13.35
N PHE E 61 -2.84 -1.20 13.84
CA PHE E 61 -2.19 0.11 13.65
C PHE E 61 -2.07 0.47 12.16
N ASP E 62 -1.45 -0.39 11.37
CA ASP E 62 -1.21 -0.04 9.96
C ASP E 62 -2.53 0.12 9.22
N ASN E 63 -3.47 -0.77 9.46
CA ASN E 63 -4.75 -0.66 8.74
C ASN E 63 -5.51 0.59 9.12
N MET E 64 -5.50 0.96 10.40
CA MET E 64 -6.18 2.21 10.77
C MET E 64 -5.45 3.42 10.19
N LEU E 65 -4.10 3.44 10.20
CA LEU E 65 -3.36 4.54 9.60
C LEU E 65 -3.69 4.68 8.12
N ASN E 66 -3.68 3.57 7.40
CA ASN E 66 -3.93 3.68 5.98
C ASN E 66 -5.36 4.14 5.73
N THR E 67 -6.30 3.72 6.57
CA THR E 67 -7.69 4.18 6.45
C THR E 67 -7.78 5.67 6.69
N ALA E 68 -7.15 6.16 7.78
CA ALA E 68 -7.17 7.60 8.08
C ALA E 68 -6.56 8.40 6.91
N LYS E 69 -5.45 7.89 6.32
CA LYS E 69 -4.80 8.62 5.26
C LYS E 69 -5.69 8.69 4.03
N TYR E 70 -6.46 7.61 3.76
CA TYR E 70 -7.31 7.64 2.61
C TYR E 70 -8.36 8.76 2.73
N TYR E 71 -9.02 8.86 3.89
CA TYR E 71 -10.08 9.87 4.03
C TYR E 71 -9.52 11.29 4.12
N TYR E 72 -8.30 11.43 4.59
CA TYR E 72 -7.62 12.72 4.49
C TYR E 72 -7.44 13.11 3.03
N THR E 73 -7.09 12.16 2.18
CA THR E 73 -6.97 12.45 0.75
C THR E 73 -8.29 12.86 0.13
N THR E 74 -9.37 12.12 0.41
CA THR E 74 -10.62 12.43 -0.28
C THR E 74 -11.35 13.61 0.34
N GLY E 75 -11.13 13.91 1.61
CA GLY E 75 -11.94 14.89 2.32
C GLY E 75 -13.38 14.48 2.55
N GLY E 76 -13.70 13.20 2.36
CA GLY E 76 -15.08 12.75 2.47
C GLY E 76 -15.59 12.72 3.89
N ASP E 77 -16.91 12.71 3.99
CA ASP E 77 -17.55 12.66 5.32
C ASP E 77 -17.41 11.28 5.93
N VAL E 78 -17.04 11.24 7.22
CA VAL E 78 -16.85 10.03 7.98
C VAL E 78 -17.43 10.17 9.37
N ARG E 79 -17.62 9.02 10.02
CA ARG E 79 -17.91 8.94 11.45
C ARG E 79 -16.68 8.36 12.13
N ILE E 80 -16.28 9.01 13.24
CA ILE E 80 -15.13 8.60 14.04
C ILE E 80 -15.66 8.06 15.35
N TYR E 81 -15.37 6.78 15.64
CA TYR E 81 -15.61 6.22 16.98
C TYR E 81 -14.33 6.34 17.79
N TYR E 82 -14.44 6.75 19.07
CA TYR E 82 -13.25 6.98 19.85
C TYR E 82 -13.58 6.71 21.31
N LYS E 83 -12.53 6.52 22.10
CA LYS E 83 -12.66 6.26 23.56
C LYS E 83 -12.10 7.46 24.34
N GLU E 84 -12.78 8.14 25.24
CA GLU E 84 -12.11 9.27 25.94
C GLU E 84 -11.17 8.80 27.08
N ASN E 85 -10.23 9.67 27.42
CA ASN E 85 -9.34 9.51 28.60
C ASN E 85 -8.50 8.25 28.56
N VAL E 86 -7.80 8.01 27.46
CA VAL E 86 -7.00 6.78 27.38
C VAL E 86 -5.52 7.08 27.62
N TRP E 87 -4.93 7.98 26.86
CA TRP E 87 -3.46 8.21 26.92
C TRP E 87 -3.04 8.75 28.28
N ARG E 88 -1.97 8.20 28.81
CA ARG E 88 -1.52 8.56 30.18
C ARG E 88 -0.22 9.37 30.09
N ASP E 89 0.43 9.42 28.94
CA ASP E 89 1.67 10.21 28.74
C ASP E 89 1.26 11.68 28.74
N PRO E 90 1.61 12.49 29.76
CA PRO E 90 1.14 13.86 29.81
C PRO E 90 1.62 14.73 28.65
N ASP E 91 2.83 14.50 28.18
CA ASP E 91 3.37 15.28 27.05
C ASP E 91 2.62 14.96 25.77
N PHE E 92 2.31 13.70 25.59
CA PHE E 92 1.55 13.28 24.38
C PHE E 92 0.13 13.84 24.42
N LYS E 93 -0.50 13.71 25.59
CA LYS E 93 -1.87 14.17 25.81
C LYS E 93 -1.96 15.68 25.54
N SER E 94 -0.99 16.44 26.03
CA SER E 94 -0.97 17.91 25.81
C SER E 94 -0.77 18.23 24.34
N ALA E 95 0.03 17.46 23.65
CA ALA E 95 0.31 17.77 22.25
C ALA E 95 -0.86 17.40 21.33
N PHE E 96 -1.63 16.35 21.67
CA PHE E 96 -2.71 15.81 20.82
C PHE E 96 -4.00 15.78 21.64
N SER E 97 -4.34 14.63 22.19
CA SER E 97 -5.49 14.53 23.10
C SER E 97 -5.34 13.22 23.83
N SER E 98 -6.29 12.95 24.72
CA SER E 98 -6.32 11.69 25.42
C SER E 98 -7.09 10.62 24.69
N ARG E 99 -7.64 10.92 23.51
CA ARG E 99 -8.65 10.05 22.91
C ARG E 99 -8.01 8.98 22.04
N GLU E 100 -8.51 7.75 22.18
CA GLU E 100 -8.06 6.62 21.35
C GLU E 100 -9.02 6.40 20.21
N LEU E 101 -8.51 6.33 18.97
CA LEU E 101 -9.32 6.08 17.79
C LEU E 101 -9.72 4.60 17.75
N ILE E 102 -11.02 4.31 17.59
CA ILE E 102 -11.59 2.97 17.61
C ILE E 102 -12.03 2.51 16.22
N ALA E 103 -12.66 3.40 15.45
CA ALA E 103 -13.14 2.99 14.15
C ALA E 103 -13.37 4.21 13.29
N ILE E 104 -13.35 4.01 11.97
CA ILE E 104 -13.68 5.05 10.98
C ILE E 104 -14.66 4.43 10.01
N THR E 105 -15.81 5.08 9.85
CA THR E 105 -16.83 4.61 8.90
C THR E 105 -17.18 5.74 7.95
N THR E 106 -17.69 5.42 6.78
CA THR E 106 -18.04 6.46 5.83
C THR E 106 -19.47 6.91 6.02
N CYS E 107 -19.71 8.10 5.51
CA CYS E 107 -21.06 8.65 5.46
C CYS E 107 -21.45 8.88 4.02
N SER E 108 -22.52 8.22 3.59
CA SER E 108 -22.99 8.35 2.23
C SER E 108 -24.05 9.42 2.08
N SER E 109 -24.53 10.01 3.16
CA SER E 109 -25.46 11.11 3.06
C SER E 109 -25.33 11.92 4.35
N SER E 110 -26.02 13.05 4.37
CA SER E 110 -26.04 13.86 5.58
C SER E 110 -26.70 13.14 6.76
N SER E 111 -27.48 12.10 6.49
CA SER E 111 -28.20 11.38 7.54
C SER E 111 -27.73 9.95 7.77
N TYR E 112 -26.77 9.42 6.99
CA TYR E 112 -26.37 8.05 7.21
C TYR E 112 -24.85 7.92 7.20
N CYS E 113 -24.32 7.30 8.25
CA CYS E 113 -22.96 6.76 8.27
C CYS E 113 -23.03 5.31 8.74
N MET E 114 -22.15 4.47 8.25
CA MET E 114 -22.19 3.07 8.67
C MET E 114 -21.87 2.93 10.16
N GLY E 115 -22.43 1.91 10.76
CA GLY E 115 -22.08 1.63 12.16
C GLY E 115 -23.20 1.95 13.11
N PRO E 116 -23.08 1.48 14.35
CA PRO E 116 -24.10 1.67 15.37
C PRO E 116 -24.19 3.12 15.87
N THR E 117 -25.39 3.56 16.28
CA THR E 117 -25.57 4.96 16.74
C THR E 117 -26.07 5.08 18.17
N VAL E 118 -26.45 3.99 18.74
CA VAL E 118 -26.95 4.00 20.15
C VAL E 118 -25.86 4.58 21.06
#